data_8TN8
#
_entry.id   8TN8
#
_cell.length_a   45.328
_cell.length_b   48.872
_cell.length_c   65.463
_cell.angle_alpha   93.340
_cell.angle_beta   102.910
_cell.angle_gamma   114.700
#
_symmetry.space_group_name_H-M   'P 1'
#
loop_
_entity.id
_entity.type
_entity.pdbx_description
1 polymer 'Capsid polyprotein VP90'
2 non-polymer 'POTASSIUM ION'
3 water water
#
_entity_poly.entity_id   1
_entity_poly.type   'polypeptide(L)'
_entity_poly.pdbx_seq_one_letter_code
;MGDAYVYRGPCQEAADPLHAARYAAWSVVDVHTNHTSPPRWSGVVPDGQTSAWSACTLELPGAFYQGAQEIDPVAAADGT
FAVNHWNTTNQKLTRLGTAYGCNQHRARTTGAEFRVISVTSVLWRAEISTGWNYDRFLAKLWNGTILAEPTTSHQDSGIP
LTRGGLNWVRSENTVYAYRNQITAGKWYVTFWMTYDPDEWVWLDQFKLQFALHPANWSDPIAPRWDITEDSLGTGLWSLQ
DLTFYPVGHQPAAAELALVPR
;
_entity_poly.pdbx_strand_id   A,B
#
# COMPACT_ATOMS: atom_id res chain seq x y z
N GLY A 2 -7.10 20.26 -17.90
CA GLY A 2 -7.95 19.15 -18.30
C GLY A 2 -8.17 18.13 -17.20
N ASP A 3 -8.22 16.86 -17.58
CA ASP A 3 -8.54 15.78 -16.66
C ASP A 3 -7.28 15.14 -16.10
N ALA A 4 -7.50 14.22 -15.17
CA ALA A 4 -6.40 13.53 -14.54
C ALA A 4 -5.75 12.53 -15.48
N TYR A 5 -4.46 12.30 -15.25
CA TYR A 5 -3.73 11.22 -15.91
C TYR A 5 -2.94 10.48 -14.85
N VAL A 6 -2.58 9.23 -15.15
CA VAL A 6 -2.04 8.31 -14.15
C VAL A 6 -0.64 7.92 -14.57
N TYR A 7 0.25 7.81 -13.60
CA TYR A 7 1.62 7.38 -13.86
C TYR A 7 1.72 5.85 -13.76
N ARG A 8 2.45 5.26 -14.70
CA ARG A 8 2.74 3.83 -14.70
C ARG A 8 4.23 3.61 -14.80
N GLY A 9 4.77 2.85 -13.86
CA GLY A 9 6.18 2.60 -13.82
C GLY A 9 6.70 2.64 -12.41
N PRO A 10 8.01 2.43 -12.26
CA PRO A 10 8.61 2.48 -10.93
C PRO A 10 8.79 3.92 -10.47
N CYS A 11 8.80 4.08 -9.16
CA CYS A 11 9.22 5.31 -8.52
C CYS A 11 10.58 5.04 -7.89
N GLN A 12 11.56 5.89 -8.18
CA GLN A 12 12.93 5.60 -7.78
C GLN A 12 13.46 6.70 -6.87
N GLU A 13 14.36 6.31 -5.96
CA GLU A 13 15.09 7.29 -5.18
C GLU A 13 15.79 8.25 -6.14
N ALA A 14 15.84 9.53 -5.75
CA ALA A 14 16.49 10.55 -6.58
C ALA A 14 17.96 10.63 -6.18
N ALA A 15 18.71 9.63 -6.64
CA ALA A 15 20.10 9.46 -6.24
C ALA A 15 20.77 8.51 -7.20
N ASP A 16 22.02 8.81 -7.55
CA ASP A 16 22.65 8.15 -8.71
C ASP A 16 22.98 6.69 -8.46
N PRO A 17 23.68 6.30 -7.35
CA PRO A 17 24.21 4.92 -7.25
C PRO A 17 23.27 3.82 -7.74
N LEU A 18 22.20 3.56 -7.00
CA LEU A 18 21.37 2.40 -7.29
C LEU A 18 20.06 2.73 -8.00
N HIS A 19 19.62 4.00 -7.99
CA HIS A 19 18.30 4.38 -8.54
C HIS A 19 17.22 3.41 -8.06
N ALA A 20 17.35 2.95 -6.82
CA ALA A 20 16.53 1.86 -6.32
C ALA A 20 15.07 2.26 -6.21
N ALA A 21 14.19 1.29 -6.42
CA ALA A 21 12.75 1.55 -6.35
C ALA A 21 12.34 1.97 -4.93
N ARG A 22 11.27 2.76 -4.86
CA ARG A 22 10.65 3.12 -3.61
C ARG A 22 9.16 2.87 -3.72
N TYR A 23 8.54 2.49 -2.59
CA TYR A 23 7.15 2.06 -2.57
C TYR A 23 6.29 2.89 -1.62
N ALA A 24 6.81 4.01 -1.13
CA ALA A 24 6.04 4.90 -0.30
C ALA A 24 6.65 6.29 -0.40
N ALA A 25 5.80 7.31 -0.39
CA ALA A 25 6.20 8.68 -0.04
C ALA A 25 6.33 8.80 1.47
N TRP A 26 7.17 9.74 1.93
CA TRP A 26 7.42 9.91 3.36
C TRP A 26 7.49 11.39 3.68
N SER A 27 7.50 11.68 4.97
CA SER A 27 7.62 13.06 5.46
C SER A 27 8.61 13.13 6.63
N VAL A 28 9.49 14.10 6.59
CA VAL A 28 10.50 14.28 7.62
C VAL A 28 9.96 15.27 8.65
N VAL A 29 10.04 14.89 9.93
CA VAL A 29 9.55 15.72 11.02
C VAL A 29 10.73 16.18 11.87
N ASP A 30 10.81 17.48 12.08
CA ASP A 30 11.79 18.06 13.01
C ASP A 30 11.28 17.95 14.43
N VAL A 31 11.99 17.19 15.28
CA VAL A 31 11.70 17.10 16.70
C VAL A 31 12.86 17.61 17.56
N HIS A 32 13.71 18.42 16.95
CA HIS A 32 14.87 19.03 17.61
C HIS A 32 14.61 20.47 17.97
N THR A 33 14.19 21.29 16.99
CA THR A 33 14.07 22.74 17.13
C THR A 33 12.64 23.24 16.94
N ASN A 34 11.65 22.33 16.89
CA ASN A 34 10.28 22.71 16.59
C ASN A 34 9.66 23.57 17.69
N HIS A 35 10.14 23.43 18.93
CA HIS A 35 9.59 24.22 20.02
C HIS A 35 9.96 25.69 19.88
N THR A 36 11.22 25.97 19.52
CA THR A 36 11.68 27.35 19.38
C THR A 36 10.81 28.14 18.40
N SER A 37 10.65 27.61 17.18
CA SER A 37 9.79 28.21 16.18
C SER A 37 9.43 27.13 15.18
N PRO A 38 8.43 27.35 14.33
CA PRO A 38 8.03 26.31 13.36
C PRO A 38 9.20 25.91 12.48
N PRO A 39 9.36 24.62 12.20
CA PRO A 39 10.55 24.13 11.47
C PRO A 39 10.54 24.54 10.01
N ARG A 40 11.59 25.27 9.61
CA ARG A 40 11.70 25.81 8.26
C ARG A 40 13.11 25.51 7.75
N TRP A 41 13.25 24.44 6.97
CA TRP A 41 14.57 23.92 6.61
C TRP A 41 14.77 23.93 5.09
N SER A 42 15.93 23.44 4.68
CA SER A 42 16.25 23.38 3.26
C SER A 42 15.46 22.27 2.58
N GLY A 43 15.26 22.42 1.27
CA GLY A 43 14.60 21.35 0.53
C GLY A 43 14.03 21.86 -0.77
N VAL A 44 13.18 21.01 -1.35
CA VAL A 44 12.49 21.38 -2.58
C VAL A 44 11.26 22.19 -2.20
N VAL A 45 11.04 23.30 -2.90
CA VAL A 45 9.98 24.23 -2.53
C VAL A 45 9.27 24.68 -3.80
N PRO A 46 7.98 25.02 -3.67
CA PRO A 46 7.24 25.51 -4.83
C PRO A 46 7.37 27.01 -5.02
N ASP A 47 7.91 27.40 -6.17
CA ASP A 47 7.96 28.81 -6.58
C ASP A 47 8.63 29.58 -5.44
N GLY A 48 8.06 30.67 -4.97
CA GLY A 48 8.69 31.52 -3.97
C GLY A 48 8.27 31.21 -2.55
N GLN A 49 7.53 30.13 -2.32
CA GLN A 49 7.06 29.76 -0.98
C GLN A 49 8.10 28.86 -0.33
N THR A 50 9.22 29.46 0.09
CA THR A 50 10.32 28.67 0.63
C THR A 50 9.98 28.04 1.98
N SER A 51 8.88 28.44 2.61
CA SER A 51 8.54 27.84 3.90
C SER A 51 8.00 26.43 3.74
N ALA A 52 7.56 26.07 2.55
CA ALA A 52 6.99 24.74 2.29
C ALA A 52 8.09 23.86 1.70
N TRP A 53 8.91 23.28 2.58
CA TRP A 53 10.07 22.49 2.18
C TRP A 53 9.72 21.01 2.21
N SER A 54 10.16 20.29 1.18
CA SER A 54 9.98 18.84 1.11
C SER A 54 11.31 18.14 0.96
N ALA A 55 11.47 17.03 1.70
CA ALA A 55 12.63 16.16 1.56
C ALA A 55 12.29 14.87 0.82
N CYS A 56 11.08 14.75 0.27
CA CYS A 56 10.66 13.53 -0.44
C CYS A 56 10.46 13.83 -1.91
N THR A 57 11.42 13.44 -2.74
CA THR A 57 11.35 13.57 -4.19
C THR A 57 11.72 12.23 -4.79
N LEU A 58 10.92 11.75 -5.76
CA LEU A 58 11.18 10.49 -6.44
C LEU A 58 11.31 10.68 -7.94
N GLU A 59 12.23 9.95 -8.56
CA GLU A 59 12.32 9.96 -10.01
C GLU A 59 11.26 9.05 -10.62
N LEU A 60 10.72 9.47 -11.78
CA LEU A 60 9.66 8.74 -12.47
C LEU A 60 10.13 8.41 -13.89
N PRO A 61 10.78 7.26 -14.09
CA PRO A 61 11.27 6.90 -15.42
C PRO A 61 10.20 6.33 -16.34
N GLY A 62 8.99 6.13 -15.85
CA GLY A 62 7.92 5.50 -16.63
C GLY A 62 7.17 6.46 -17.53
N ALA A 63 5.84 6.31 -17.59
CA ALA A 63 5.04 7.04 -18.55
C ALA A 63 3.68 7.35 -17.93
N PHE A 64 2.92 8.18 -18.63
CA PHE A 64 1.65 8.72 -18.14
C PHE A 64 0.54 8.40 -19.11
N TYR A 65 -0.64 8.06 -18.58
CA TYR A 65 -1.73 7.56 -19.41
C TYR A 65 -3.06 8.19 -19.03
N GLN A 66 -3.91 8.39 -20.03
CA GLN A 66 -5.34 8.63 -19.83
C GLN A 66 -6.06 7.48 -20.52
N GLY A 67 -6.70 6.63 -19.72
CA GLY A 67 -7.27 5.42 -20.28
C GLY A 67 -6.18 4.59 -20.91
N ALA A 68 -6.40 4.19 -22.15
CA ALA A 68 -5.43 3.40 -22.88
C ALA A 68 -4.38 4.23 -23.59
N GLN A 69 -4.44 5.55 -23.48
CA GLN A 69 -3.65 6.45 -24.31
C GLN A 69 -2.51 7.05 -23.50
N GLU A 70 -1.29 6.98 -24.05
CA GLU A 70 -0.15 7.62 -23.40
C GLU A 70 -0.22 9.11 -23.63
N ILE A 71 0.05 9.90 -22.60
CA ILE A 71 0.00 11.35 -22.72
C ILE A 71 1.32 11.95 -22.28
N ASP A 72 1.58 13.15 -22.79
CA ASP A 72 2.76 13.93 -22.46
C ASP A 72 2.36 15.01 -21.45
N PRO A 73 2.88 14.98 -20.22
CA PRO A 73 2.47 16.00 -19.24
C PRO A 73 2.75 17.42 -19.70
N VAL A 74 3.75 17.62 -20.56
CA VAL A 74 3.99 18.96 -21.09
C VAL A 74 2.84 19.38 -22.00
N ALA A 75 2.41 18.46 -22.87
CA ALA A 75 1.30 18.79 -23.76
C ALA A 75 0.00 18.99 -22.98
N ALA A 76 -0.19 18.25 -21.89
CA ALA A 76 -1.42 18.37 -21.13
C ALA A 76 -1.40 19.55 -20.17
N ALA A 77 -0.27 20.21 -20.01
CA ALA A 77 -0.14 21.23 -18.98
C ALA A 77 -0.95 22.47 -19.30
N ASP A 78 -1.43 23.11 -18.23
CA ASP A 78 -1.95 24.46 -18.30
C ASP A 78 -1.00 25.40 -17.56
N GLY A 79 -1.13 25.48 -16.24
CA GLY A 79 -0.22 26.30 -15.47
C GLY A 79 1.16 25.66 -15.38
N THR A 80 2.18 26.50 -15.20
CA THR A 80 3.49 26.02 -14.81
C THR A 80 4.07 26.97 -13.77
N PHE A 81 5.01 26.46 -12.98
CA PHE A 81 5.71 27.30 -12.03
C PHE A 81 7.06 26.66 -11.75
N ALA A 82 7.96 27.45 -11.16
CA ALA A 82 9.29 26.95 -10.88
C ALA A 82 9.26 26.02 -9.68
N VAL A 83 9.95 24.89 -9.80
CA VAL A 83 10.26 24.03 -8.66
C VAL A 83 11.70 24.35 -8.28
N ASN A 84 11.91 24.74 -7.02
CA ASN A 84 13.16 25.33 -6.58
C ASN A 84 13.77 24.53 -5.45
N HIS A 85 15.09 24.67 -5.30
CA HIS A 85 15.80 24.21 -4.13
C HIS A 85 16.02 25.43 -3.24
N TRP A 86 15.68 25.28 -1.97
CA TRP A 86 15.89 26.34 -0.99
C TRP A 86 16.99 25.93 -0.02
N ASN A 87 18.01 26.75 0.11
CA ASN A 87 19.17 26.48 0.95
C ASN A 87 19.15 27.47 2.11
N THR A 88 18.88 26.99 3.33
CA THR A 88 18.81 27.92 4.46
C THR A 88 20.17 28.39 4.95
N THR A 89 21.27 27.75 4.52
CA THR A 89 22.58 28.18 4.97
C THR A 89 23.08 29.40 4.21
N ASN A 90 22.89 29.44 2.89
CA ASN A 90 23.28 30.61 2.12
C ASN A 90 22.09 31.43 1.64
N GLN A 91 20.87 31.05 2.05
CA GLN A 91 19.66 31.79 1.75
C GLN A 91 19.44 31.94 0.24
N LYS A 92 19.84 30.92 -0.51
CA LYS A 92 19.79 30.95 -1.97
C LYS A 92 18.65 30.07 -2.45
N LEU A 93 17.87 30.60 -3.38
CA LEU A 93 16.80 29.86 -4.03
C LEU A 93 17.23 29.55 -5.46
N THR A 94 17.29 28.26 -5.80
CA THR A 94 17.86 27.82 -7.07
C THR A 94 16.81 27.07 -7.86
N ARG A 95 16.58 27.48 -9.10
CA ARG A 95 15.60 26.79 -9.91
C ARG A 95 16.10 25.41 -10.27
N LEU A 96 15.29 24.39 -9.99
CA LEU A 96 15.59 23.01 -10.32
C LEU A 96 14.89 22.54 -11.59
N GLY A 97 13.67 23.02 -11.83
CA GLY A 97 12.89 22.47 -12.93
C GLY A 97 11.58 23.20 -13.01
N THR A 98 10.67 22.63 -13.79
CA THR A 98 9.38 23.25 -14.06
C THR A 98 8.26 22.27 -13.73
N ALA A 99 7.29 22.73 -12.97
CA ALA A 99 6.13 21.92 -12.63
C ALA A 99 5.14 21.91 -13.79
N TYR A 100 4.66 20.70 -14.14
CA TYR A 100 3.63 20.53 -15.16
C TYR A 100 2.35 19.88 -14.67
N GLY A 101 2.38 19.12 -13.58
CA GLY A 101 1.19 18.50 -13.06
C GLY A 101 1.20 18.55 -11.55
N CYS A 102 0.02 18.33 -10.96
CA CYS A 102 -0.04 18.33 -9.49
C CYS A 102 -1.25 17.56 -9.02
N ASN A 103 -1.30 17.37 -7.70
CA ASN A 103 -2.43 16.80 -7.01
C ASN A 103 -2.38 17.31 -5.57
N GLN A 104 -3.54 17.34 -4.92
CA GLN A 104 -3.57 17.77 -3.53
C GLN A 104 -4.76 17.12 -2.83
N HIS A 105 -4.60 16.91 -1.53
CA HIS A 105 -5.65 16.26 -0.77
C HIS A 105 -5.50 16.62 0.70
N ARG A 106 -6.64 16.69 1.39
CA ARG A 106 -6.67 16.75 2.84
C ARG A 106 -7.50 15.59 3.35
N ALA A 107 -6.88 14.73 4.14
CA ALA A 107 -7.56 13.57 4.72
C ALA A 107 -7.88 13.84 6.18
N ARG A 108 -9.16 13.68 6.53
CA ARG A 108 -9.64 13.94 7.89
C ARG A 108 -9.88 12.63 8.62
N THR A 109 -9.54 12.60 9.91
CA THR A 109 -9.68 11.35 10.66
C THR A 109 -11.14 11.02 10.91
N THR A 110 -11.34 9.81 11.44
CA THR A 110 -12.64 9.37 11.91
C THR A 110 -13.00 10.03 13.23
N GLY A 111 -14.29 10.35 13.39
CA GLY A 111 -14.81 10.76 14.68
C GLY A 111 -14.56 12.21 15.02
N ALA A 112 -15.11 12.61 16.17
CA ALA A 112 -15.00 13.97 16.66
C ALA A 112 -13.56 14.30 17.01
N GLU A 113 -13.27 15.60 17.12
CA GLU A 113 -11.92 16.10 17.37
C GLU A 113 -10.97 15.55 16.31
N PHE A 114 -11.26 15.91 15.06
CA PHE A 114 -10.64 15.31 13.90
C PHE A 114 -9.24 15.86 13.66
N ARG A 115 -8.46 15.08 12.92
CA ARG A 115 -7.09 15.40 12.54
C ARG A 115 -6.98 15.39 11.02
N VAL A 116 -6.13 16.26 10.49
CA VAL A 116 -5.93 16.40 9.05
C VAL A 116 -4.52 15.97 8.70
N ILE A 117 -4.40 15.17 7.65
CA ILE A 117 -3.16 15.03 6.89
C ILE A 117 -3.34 15.87 5.64
N SER A 118 -2.40 16.76 5.38
CA SER A 118 -2.38 17.49 4.11
C SER A 118 -1.31 16.90 3.21
N VAL A 119 -1.65 16.65 1.95
CA VAL A 119 -0.70 16.16 0.96
C VAL A 119 -0.83 17.00 -0.30
N THR A 120 0.32 17.35 -0.88
CA THR A 120 0.43 18.01 -2.16
C THR A 120 1.52 17.30 -2.95
N SER A 121 1.26 17.00 -4.20
CA SER A 121 2.26 16.38 -5.04
C SER A 121 2.45 17.24 -6.27
N VAL A 122 3.69 17.34 -6.73
CA VAL A 122 4.02 18.14 -7.91
C VAL A 122 4.84 17.28 -8.84
N LEU A 123 4.36 17.15 -10.08
CA LEU A 123 5.10 16.48 -11.13
C LEU A 123 5.88 17.54 -11.89
N TRP A 124 7.19 17.38 -12.00
CA TRP A 124 8.03 18.40 -12.61
C TRP A 124 9.16 17.77 -13.40
N ARG A 125 9.68 18.51 -14.38
CA ARG A 125 10.82 18.04 -15.16
C ARG A 125 12.04 18.87 -14.75
N ALA A 126 13.15 18.19 -14.50
CA ALA A 126 14.37 18.89 -14.13
C ALA A 126 14.98 19.56 -15.35
N GLU A 127 15.51 20.78 -15.15
CA GLU A 127 16.24 21.44 -16.21
C GLU A 127 17.69 21.68 -15.87
N ILE A 128 18.15 21.23 -14.71
CA ILE A 128 19.57 21.22 -14.38
C ILE A 128 19.90 19.86 -13.80
N SER A 129 21.18 19.51 -13.86
CA SER A 129 21.69 18.35 -13.15
C SER A 129 22.48 18.85 -11.94
N THR A 130 22.05 18.45 -10.75
CA THR A 130 22.65 18.99 -9.55
C THR A 130 22.27 18.08 -8.39
N GLY A 131 22.92 18.30 -7.25
CA GLY A 131 22.63 17.52 -6.07
C GLY A 131 22.73 18.40 -4.82
N TRP A 132 22.17 17.88 -3.73
CA TRP A 132 22.19 18.64 -2.49
C TRP A 132 21.96 17.66 -1.36
N ASN A 133 22.29 18.10 -0.15
CA ASN A 133 21.95 17.35 1.06
C ASN A 133 20.93 18.13 1.87
N TYR A 134 20.03 17.40 2.52
CA TYR A 134 19.07 18.07 3.39
C TYR A 134 19.74 18.46 4.71
N ASP A 135 19.05 19.27 5.49
CA ASP A 135 19.68 19.80 6.69
C ASP A 135 19.72 18.77 7.81
N ARG A 136 20.64 18.99 8.73
CA ARG A 136 20.84 18.07 9.86
C ARG A 136 20.08 18.57 11.08
N PHE A 137 19.19 17.72 11.60
CA PHE A 137 18.46 17.96 12.83
C PHE A 137 17.85 16.63 13.25
N LEU A 138 17.71 16.44 14.56
CA LEU A 138 17.07 15.23 15.05
C LEU A 138 15.64 15.16 14.56
N ALA A 139 15.26 14.01 14.00
CA ALA A 139 14.03 13.92 13.22
C ALA A 139 13.21 12.70 13.60
N LYS A 140 11.91 12.78 13.32
CA LYS A 140 11.10 11.58 13.09
C LYS A 140 10.80 11.46 11.60
N LEU A 141 10.17 10.34 11.25
CA LEU A 141 9.83 10.06 9.86
C LEU A 141 8.47 9.36 9.85
N TRP A 142 7.61 9.71 8.90
CA TRP A 142 6.35 9.00 8.79
C TRP A 142 5.94 8.76 7.34
N ASN A 143 5.17 7.69 7.15
CA ASN A 143 4.44 7.48 5.90
C ASN A 143 3.07 6.89 6.22
N GLY A 144 2.16 7.03 5.26
CA GLY A 144 0.83 6.48 5.43
C GLY A 144 0.84 4.99 5.14
N THR A 145 0.19 4.21 6.01
CA THR A 145 0.05 2.78 5.82
C THR A 145 -1.41 2.38 5.83
N ILE A 146 -1.68 1.21 5.26
CA ILE A 146 -3.02 0.65 5.19
C ILE A 146 -3.06 -0.48 6.22
N LEU A 147 -4.00 -0.40 7.16
CA LEU A 147 -4.03 -1.25 8.35
C LEU A 147 -5.34 -2.03 8.38
N ALA A 148 -5.25 -3.35 8.44
CA ALA A 148 -6.42 -4.15 8.71
C ALA A 148 -6.58 -4.31 10.21
N GLU A 149 -7.80 -4.09 10.71
CA GLU A 149 -8.07 -4.02 12.14
C GLU A 149 -9.48 -4.52 12.41
N PRO A 150 -9.76 -5.00 13.62
CA PRO A 150 -11.14 -5.38 13.96
C PRO A 150 -12.07 -4.18 13.95
N THR A 151 -13.36 -4.48 13.80
CA THR A 151 -14.34 -3.45 13.50
C THR A 151 -14.73 -2.62 14.70
N THR A 152 -14.62 -3.19 15.91
CA THR A 152 -15.04 -2.50 17.12
C THR A 152 -14.11 -2.86 18.26
N SER A 153 -14.21 -2.10 19.36
CA SER A 153 -13.52 -2.48 20.59
C SER A 153 -14.01 -3.79 21.15
N HIS A 154 -15.25 -4.17 20.83
CA HIS A 154 -15.77 -5.43 21.34
C HIS A 154 -14.93 -6.58 20.80
N GLN A 155 -14.92 -7.68 21.55
CA GLN A 155 -14.20 -8.88 21.15
C GLN A 155 -14.61 -9.39 19.77
N ASP A 156 -15.91 -9.38 19.48
CA ASP A 156 -16.43 -9.97 18.25
C ASP A 156 -16.34 -8.97 17.10
N SER A 157 -15.54 -9.29 16.11
CA SER A 157 -15.32 -8.40 14.98
C SER A 157 -16.10 -8.84 13.75
N GLY A 158 -16.49 -7.87 12.93
CA GLY A 158 -16.94 -8.12 11.59
C GLY A 158 -15.76 -8.28 10.65
N ILE A 159 -16.07 -8.23 9.36
CA ILE A 159 -14.99 -8.25 8.37
C ILE A 159 -14.04 -7.10 8.68
N PRO A 160 -12.74 -7.35 8.80
CA PRO A 160 -11.82 -6.31 9.28
C PRO A 160 -11.91 -5.04 8.46
N LEU A 161 -11.80 -3.91 9.14
CA LEU A 161 -11.62 -2.63 8.48
C LEU A 161 -10.23 -2.55 7.85
N THR A 162 -10.10 -1.78 6.76
CA THR A 162 -8.80 -1.49 6.17
C THR A 162 -8.75 0.02 6.03
N ARG A 163 -8.00 0.67 6.91
CA ARG A 163 -8.00 2.12 7.03
C ARG A 163 -6.56 2.61 7.00
N GLY A 164 -6.40 3.93 6.91
CA GLY A 164 -5.08 4.53 6.92
C GLY A 164 -4.63 4.84 8.33
N GLY A 165 -3.34 4.59 8.59
CA GLY A 165 -2.71 5.09 9.78
C GLY A 165 -1.28 5.50 9.46
N LEU A 166 -0.65 6.16 10.42
CA LEU A 166 0.71 6.62 10.20
C LEU A 166 1.71 5.61 10.75
N ASN A 167 2.71 5.29 9.94
CA ASN A 167 3.92 4.67 10.44
C ASN A 167 4.86 5.82 10.83
N TRP A 168 5.17 5.92 12.12
CA TRP A 168 5.86 7.09 12.68
C TRP A 168 7.05 6.57 13.47
N VAL A 169 8.26 6.78 12.95
CA VAL A 169 9.47 6.13 13.44
C VAL A 169 10.56 7.17 13.63
N ARG A 170 11.52 6.87 14.52
CA ARG A 170 11.70 5.72 15.40
C ARG A 170 12.02 6.21 16.81
N SER A 171 12.12 5.29 17.77
CA SER A 171 12.48 5.73 19.11
C SER A 171 13.92 6.22 19.16
N GLU A 172 14.81 5.55 18.44
CA GLU A 172 16.22 5.94 18.44
C GLU A 172 16.39 7.28 17.70
N ASN A 173 17.57 7.86 17.84
CA ASN A 173 17.84 9.14 17.19
C ASN A 173 18.06 8.96 15.70
N THR A 174 17.54 9.90 14.91
CA THR A 174 17.70 9.85 13.47
C THR A 174 17.89 11.26 12.95
N VAL A 175 18.76 11.36 11.94
CA VAL A 175 18.98 12.58 11.18
C VAL A 175 18.82 12.22 9.71
N TYR A 176 18.12 13.09 8.96
CA TYR A 176 17.87 12.81 7.55
C TYR A 176 18.57 13.83 6.68
N ALA A 177 19.89 13.86 6.75
CA ALA A 177 20.67 14.81 5.94
C ALA A 177 21.21 14.14 4.68
N TYR A 178 20.34 13.38 4.01
CA TYR A 178 20.77 12.54 2.91
C TYR A 178 20.86 13.35 1.62
N ARG A 179 21.43 12.72 0.61
CA ARG A 179 21.73 13.35 -0.67
C ARG A 179 20.61 13.06 -1.66
N ASN A 180 20.21 14.08 -2.41
CA ASN A 180 19.41 13.87 -3.60
C ASN A 180 20.20 14.42 -4.78
N GLN A 181 20.02 13.78 -5.94
CA GLN A 181 20.68 14.17 -7.16
C GLN A 181 19.65 14.08 -8.28
N ILE A 182 19.59 15.11 -9.12
CA ILE A 182 18.65 15.11 -10.24
C ILE A 182 19.45 15.23 -11.53
N THR A 183 18.83 14.79 -12.62
CA THR A 183 19.41 14.90 -13.95
C THR A 183 18.46 15.68 -14.84
N ALA A 184 18.97 16.70 -15.50
CA ALA A 184 18.19 17.49 -16.44
C ALA A 184 17.45 16.60 -17.44
N GLY A 185 16.17 16.90 -17.67
CA GLY A 185 15.36 16.16 -18.59
C GLY A 185 14.56 15.03 -17.97
N LYS A 186 14.91 14.60 -16.76
CA LYS A 186 14.17 13.53 -16.10
C LYS A 186 12.94 14.09 -15.40
N TRP A 187 11.97 13.20 -15.14
CA TRP A 187 10.72 13.56 -14.48
C TRP A 187 10.78 13.16 -13.00
N TYR A 188 10.35 14.07 -12.13
CA TYR A 188 10.31 13.84 -10.69
C TYR A 188 8.92 14.11 -10.14
N VAL A 189 8.61 13.49 -8.98
CA VAL A 189 7.47 13.93 -8.18
C VAL A 189 8.00 14.31 -6.80
N THR A 190 7.54 15.45 -6.30
CA THR A 190 7.88 15.86 -4.95
C THR A 190 6.61 15.85 -4.13
N PHE A 191 6.70 15.30 -2.92
CA PHE A 191 5.56 15.17 -2.02
C PHE A 191 5.76 16.08 -0.82
N TRP A 192 4.82 16.99 -0.60
CA TRP A 192 4.74 17.76 0.63
C TRP A 192 3.61 17.18 1.47
N MET A 193 3.95 16.47 2.54
CA MET A 193 2.95 15.81 3.37
C MET A 193 3.15 16.23 4.82
N THR A 194 2.06 16.61 5.48
CA THR A 194 2.14 17.13 6.84
C THR A 194 1.00 16.62 7.69
N TYR A 195 1.33 16.10 8.86
CA TYR A 195 0.33 15.66 9.80
C TYR A 195 -0.03 16.80 10.76
N ASP A 196 -1.33 17.10 10.86
CA ASP A 196 -1.87 18.06 11.81
C ASP A 196 -1.28 19.45 11.64
N PRO A 197 -1.29 20.03 10.44
CA PRO A 197 -0.67 21.35 10.26
C PRO A 197 -1.52 22.45 10.87
N ASP A 198 -0.83 23.56 11.18
CA ASP A 198 -1.45 24.79 11.63
C ASP A 198 -1.75 25.74 10.48
N GLU A 199 -0.90 25.73 9.46
CA GLU A 199 -0.92 26.75 8.42
C GLU A 199 -0.65 26.13 7.07
N TRP A 200 -1.19 26.76 6.03
CA TRP A 200 -0.92 26.46 4.64
C TRP A 200 -0.41 27.71 3.94
N VAL A 201 0.40 27.51 2.92
CA VAL A 201 0.68 28.56 1.94
C VAL A 201 0.13 28.12 0.60
N TRP A 202 -0.01 29.08 -0.31
CA TRP A 202 -0.71 28.83 -1.57
C TRP A 202 0.06 29.41 -2.74
N LEU A 203 -0.06 28.72 -3.88
CA LEU A 203 0.17 29.36 -5.18
C LEU A 203 -1.20 29.84 -5.65
N ASP A 204 -1.52 31.10 -5.32
CA ASP A 204 -2.88 31.60 -5.47
C ASP A 204 -3.39 31.47 -6.89
N GLN A 205 -2.51 31.64 -7.87
CA GLN A 205 -2.94 31.62 -9.27
C GLN A 205 -3.50 30.25 -9.65
N PHE A 206 -3.08 29.19 -8.97
CA PHE A 206 -3.49 27.85 -9.32
C PHE A 206 -4.33 27.18 -8.24
N LYS A 207 -4.65 27.91 -7.15
CA LYS A 207 -5.33 27.38 -5.96
C LYS A 207 -4.69 26.07 -5.48
N LEU A 208 -3.36 26.09 -5.41
CA LEU A 208 -2.55 24.94 -5.00
C LEU A 208 -1.99 25.19 -3.60
N GLN A 209 -2.40 24.36 -2.65
CA GLN A 209 -2.04 24.46 -1.25
C GLN A 209 -0.74 23.72 -0.95
N PHE A 210 -0.03 24.20 0.07
CA PHE A 210 1.07 23.46 0.68
C PHE A 210 0.99 23.66 2.18
N ALA A 211 0.76 22.59 2.93
CA ALA A 211 0.81 22.71 4.38
C ALA A 211 2.23 22.92 4.87
N LEU A 212 2.38 23.70 5.93
CA LEU A 212 3.67 23.94 6.56
C LEU A 212 3.85 23.03 7.77
N HIS A 213 5.12 22.73 8.07
CA HIS A 213 5.43 21.92 9.23
C HIS A 213 5.02 22.65 10.51
N PRO A 214 4.16 22.06 11.35
CA PRO A 214 3.71 22.73 12.57
C PRO A 214 4.74 22.69 13.67
N ALA A 215 4.63 23.66 14.59
CA ALA A 215 5.50 23.64 15.77
C ALA A 215 5.11 22.50 16.70
N ASN A 216 3.82 22.20 16.81
CA ASN A 216 3.31 21.14 17.67
C ASN A 216 2.24 20.35 16.92
N TRP A 217 1.98 19.14 17.41
CA TRP A 217 1.01 18.26 16.76
C TRP A 217 0.52 17.24 17.78
N SER A 218 -0.69 16.75 17.56
CA SER A 218 -1.27 15.78 18.47
C SER A 218 -0.68 14.40 18.21
N ASP A 219 -1.02 13.46 19.07
CA ASP A 219 -0.54 12.09 18.94
C ASP A 219 -0.76 11.58 17.52
N PRO A 220 0.29 11.12 16.84
CA PRO A 220 0.13 10.58 15.48
C PRO A 220 -0.13 9.09 15.42
N ILE A 221 -0.10 8.40 16.56
CA ILE A 221 -0.17 6.94 16.60
C ILE A 221 -1.61 6.44 16.58
N ALA A 222 -2.48 7.02 17.39
CA ALA A 222 -3.84 6.53 17.54
C ALA A 222 -4.77 6.85 16.37
N PRO A 223 -4.68 8.00 15.71
CA PRO A 223 -5.70 8.34 14.71
C PRO A 223 -5.75 7.35 13.55
N ARG A 224 -6.95 7.22 12.98
CA ARG A 224 -7.19 6.38 11.82
C ARG A 224 -7.98 7.17 10.81
N TRP A 225 -7.69 6.95 9.53
CA TRP A 225 -8.38 7.64 8.43
C TRP A 225 -9.12 6.60 7.59
N ASP A 226 -10.42 6.80 7.41
CA ASP A 226 -11.11 6.02 6.40
C ASP A 226 -10.50 6.36 5.03
N ILE A 227 -10.25 5.33 4.23
CA ILE A 227 -9.65 5.55 2.93
C ILE A 227 -10.75 5.90 1.94
N THR A 228 -10.67 7.09 1.38
CA THR A 228 -11.67 7.61 0.46
C THR A 228 -11.16 7.52 -0.97
N GLU A 229 -12.11 7.50 -1.92
CA GLU A 229 -11.75 7.42 -3.33
C GLU A 229 -10.88 8.60 -3.76
N ASP A 230 -11.11 9.78 -3.21
CA ASP A 230 -10.30 10.91 -3.61
C ASP A 230 -8.93 10.93 -2.94
N SER A 231 -8.66 10.06 -1.95
CA SER A 231 -7.30 9.93 -1.46
C SER A 231 -6.45 9.01 -2.32
N LEU A 232 -7.07 8.21 -3.17
CA LEU A 232 -6.32 7.37 -4.08
C LEU A 232 -5.61 8.24 -5.10
N GLY A 233 -4.38 7.85 -5.43
CA GLY A 233 -3.60 8.58 -6.42
C GLY A 233 -2.80 9.74 -5.88
N THR A 234 -2.97 10.07 -4.60
CA THR A 234 -2.32 11.25 -4.04
C THR A 234 -0.93 10.97 -3.51
N GLY A 235 -0.56 9.70 -3.33
CA GLY A 235 0.69 9.35 -2.68
C GLY A 235 0.55 9.08 -1.20
N LEU A 236 -0.61 9.34 -0.62
CA LEU A 236 -0.72 9.29 0.84
C LEU A 236 -0.66 7.86 1.35
N TRP A 237 -1.51 6.97 0.84
CA TRP A 237 -1.60 5.63 1.39
C TRP A 237 -0.82 4.60 0.59
N SER A 238 -0.36 4.97 -0.60
CA SER A 238 0.53 4.13 -1.38
C SER A 238 1.01 4.97 -2.55
N LEU A 239 1.91 4.40 -3.35
CA LEU A 239 2.33 5.03 -4.58
C LEU A 239 1.59 4.43 -5.76
N GLN A 240 0.52 3.69 -5.49
CA GLN A 240 -0.29 3.07 -6.52
C GLN A 240 -1.09 4.11 -7.29
N ASP A 241 -1.04 4.02 -8.61
CA ASP A 241 -1.87 4.85 -9.47
C ASP A 241 -1.67 6.33 -9.15
N LEU A 242 -0.39 6.72 -9.03
CA LEU A 242 -0.08 8.14 -8.88
C LEU A 242 -0.76 8.94 -9.98
N THR A 243 -1.56 9.91 -9.56
CA THR A 243 -2.42 10.67 -10.44
C THR A 243 -2.06 12.14 -10.35
N PHE A 244 -2.05 12.80 -11.50
CA PHE A 244 -1.74 14.22 -11.60
C PHE A 244 -2.76 14.88 -12.51
N TYR A 245 -2.98 16.16 -12.24
CA TYR A 245 -3.84 17.07 -12.98
C TYR A 245 -2.97 18.19 -13.53
N PRO A 246 -3.35 18.75 -14.67
CA PRO A 246 -2.76 20.03 -15.07
C PRO A 246 -2.86 21.02 -13.92
N VAL A 247 -1.80 21.82 -13.74
CA VAL A 247 -1.78 22.78 -12.64
C VAL A 247 -2.88 23.80 -12.84
N GLY A 248 -3.70 23.99 -11.80
CA GLY A 248 -4.89 24.82 -11.88
C GLY A 248 -6.17 24.03 -12.13
N HIS A 249 -6.06 22.74 -12.42
CA HIS A 249 -7.21 21.88 -12.66
C HIS A 249 -7.33 20.77 -11.63
N GLN A 250 -6.44 20.76 -10.65
CA GLN A 250 -6.50 19.75 -9.60
C GLN A 250 -7.71 19.97 -8.70
N PRO A 251 -8.11 18.95 -7.93
CA PRO A 251 -9.23 19.15 -7.00
C PRO A 251 -8.90 20.20 -5.96
N ALA A 252 -9.92 20.94 -5.53
CA ALA A 252 -9.78 21.87 -4.43
C ALA A 252 -9.50 21.12 -3.13
N ALA A 253 -8.92 21.84 -2.17
CA ALA A 253 -8.63 21.25 -0.86
C ALA A 253 -9.60 21.80 0.18
N GLY B 2 -0.37 -18.80 -21.92
CA GLY B 2 -1.13 -18.09 -20.90
C GLY B 2 -0.31 -17.05 -20.16
N ASP B 3 -0.46 -15.79 -20.56
CA ASP B 3 0.23 -14.70 -19.88
C ASP B 3 -0.64 -14.11 -18.77
N ALA B 4 -0.02 -13.26 -17.96
CA ALA B 4 -0.71 -12.69 -16.81
C ALA B 4 -1.68 -11.60 -17.26
N TYR B 5 -2.73 -11.41 -16.46
CA TYR B 5 -3.65 -10.31 -16.66
C TYR B 5 -3.85 -9.62 -15.32
N VAL B 6 -4.31 -8.36 -15.38
CA VAL B 6 -4.37 -7.49 -14.22
C VAL B 6 -5.80 -7.06 -13.99
N TYR B 7 -6.20 -7.02 -12.73
CA TYR B 7 -7.55 -6.58 -12.38
C TYR B 7 -7.56 -5.08 -12.17
N ARG B 8 -8.61 -4.44 -12.69
CA ARG B 8 -8.80 -3.00 -12.54
C ARG B 8 -10.20 -2.80 -11.98
N GLY B 9 -10.29 -2.14 -10.83
CA GLY B 9 -11.56 -1.93 -10.18
C GLY B 9 -11.43 -2.04 -8.69
N PRO B 10 -12.55 -1.93 -7.98
CA PRO B 10 -12.52 -2.03 -6.52
C PRO B 10 -12.51 -3.48 -6.07
N CYS B 11 -11.98 -3.69 -4.88
CA CYS B 11 -12.07 -4.95 -4.16
C CYS B 11 -13.06 -4.74 -3.03
N GLN B 12 -14.10 -5.57 -2.98
CA GLN B 12 -15.19 -5.34 -2.05
C GLN B 12 -15.30 -6.50 -1.07
N GLU B 13 -15.64 -6.17 0.17
CA GLU B 13 -15.95 -7.22 1.13
C GLU B 13 -16.97 -8.18 0.53
N ALA B 14 -16.82 -9.46 0.83
CA ALA B 14 -17.76 -10.48 0.34
C ALA B 14 -18.90 -10.63 1.35
N ALA B 15 -19.76 -9.61 1.36
CA ALA B 15 -20.88 -9.57 2.28
C ALA B 15 -21.99 -8.75 1.66
N ASP B 16 -23.22 -9.27 1.74
CA ASP B 16 -24.38 -8.78 1.01
C ASP B 16 -25.05 -7.50 1.52
N PRO B 17 -24.80 -7.04 2.77
CA PRO B 17 -25.32 -5.72 3.13
C PRO B 17 -24.77 -4.60 2.24
N LEU B 18 -23.47 -4.31 2.35
CA LEU B 18 -22.93 -3.08 1.79
C LEU B 18 -21.88 -3.24 0.69
N HIS B 19 -21.21 -4.39 0.61
CA HIS B 19 -20.16 -4.60 -0.38
C HIS B 19 -19.10 -3.50 -0.32
N ALA B 20 -18.74 -3.09 0.90
CA ALA B 20 -17.84 -1.94 1.08
C ALA B 20 -16.45 -2.24 0.53
N ALA B 21 -15.81 -1.21 -0.04
CA ALA B 21 -14.45 -1.36 -0.57
C ALA B 21 -13.49 -1.79 0.53
N ARG B 22 -12.49 -2.57 0.14
CA ARG B 22 -11.39 -2.94 1.02
C ARG B 22 -10.08 -2.64 0.32
N TYR B 23 -9.05 -2.35 1.12
CA TYR B 23 -7.78 -1.89 0.58
C TYR B 23 -6.61 -2.74 1.04
N ALA B 24 -6.86 -3.86 1.70
CA ALA B 24 -5.79 -4.78 2.04
C ALA B 24 -6.38 -6.18 2.10
N ALA B 25 -5.56 -7.17 1.74
CA ALA B 25 -5.82 -8.56 2.12
C ALA B 25 -5.30 -8.79 3.53
N TRP B 26 -5.85 -9.81 4.20
CA TRP B 26 -5.49 -10.06 5.59
C TRP B 26 -5.49 -11.56 5.85
N SER B 27 -5.02 -11.91 7.05
CA SER B 27 -4.88 -13.30 7.47
C SER B 27 -5.30 -13.40 8.93
N VAL B 28 -6.17 -14.37 9.22
CA VAL B 28 -6.62 -14.60 10.59
C VAL B 28 -5.70 -15.63 11.24
N VAL B 29 -5.29 -15.36 12.48
CA VAL B 29 -4.32 -16.21 13.17
C VAL B 29 -4.99 -16.76 14.43
N ASP B 30 -4.96 -18.07 14.60
CA ASP B 30 -5.48 -18.74 15.80
C ASP B 30 -4.40 -18.70 16.89
N VAL B 31 -4.65 -17.94 17.95
CA VAL B 31 -3.78 -17.92 19.13
C VAL B 31 -4.49 -18.50 20.34
N HIS B 32 -5.55 -19.27 20.11
CA HIS B 32 -6.31 -19.90 21.17
C HIS B 32 -5.90 -21.36 21.31
N THR B 33 -6.01 -22.14 20.22
CA THR B 33 -5.84 -23.58 20.23
C THR B 33 -4.61 -24.07 19.46
N ASN B 34 -3.69 -23.15 19.10
CA ASN B 34 -2.56 -23.54 18.25
C ASN B 34 -1.56 -24.43 18.98
N HIS B 35 -1.50 -24.34 20.31
CA HIS B 35 -0.54 -25.16 21.05
C HIS B 35 -0.95 -26.63 21.01
N THR B 36 -2.25 -26.92 21.12
CA THR B 36 -2.71 -28.30 21.16
C THR B 36 -2.49 -29.00 19.83
N SER B 37 -2.72 -28.31 18.71
CA SER B 37 -2.67 -28.89 17.38
C SER B 37 -2.60 -27.75 16.36
N PRO B 38 -2.00 -27.97 15.18
CA PRO B 38 -1.99 -26.92 14.17
C PRO B 38 -3.41 -26.51 13.80
N PRO B 39 -3.69 -25.21 13.76
CA PRO B 39 -5.08 -24.73 13.61
C PRO B 39 -5.66 -25.06 12.25
N ARG B 40 -6.76 -25.80 12.24
CA ARG B 40 -7.47 -26.23 11.03
C ARG B 40 -8.94 -25.90 11.24
N TRP B 41 -9.40 -24.82 10.64
CA TRP B 41 -10.75 -24.30 10.85
C TRP B 41 -11.54 -24.26 9.54
N SER B 42 -12.75 -23.74 9.63
CA SER B 42 -13.62 -23.62 8.48
C SER B 42 -13.17 -22.47 7.60
N GLY B 43 -13.55 -22.55 6.34
CA GLY B 43 -13.29 -21.44 5.43
C GLY B 43 -13.25 -21.93 4.00
N VAL B 44 -12.73 -21.05 3.15
CA VAL B 44 -12.58 -21.34 1.73
C VAL B 44 -11.31 -22.16 1.54
N VAL B 45 -11.44 -23.29 0.85
CA VAL B 45 -10.31 -24.19 0.68
C VAL B 45 -10.18 -24.52 -0.81
N PRO B 46 -8.99 -24.87 -1.27
CA PRO B 46 -8.83 -25.26 -2.67
C PRO B 46 -9.04 -26.74 -2.90
N ASP B 47 -10.04 -27.09 -3.69
CA ASP B 47 -10.27 -28.47 -4.14
C ASP B 47 -10.39 -29.33 -2.88
N GLY B 48 -9.73 -30.47 -2.79
CA GLY B 48 -9.86 -31.37 -1.66
C GLY B 48 -8.90 -31.09 -0.52
N GLN B 49 -8.13 -30.01 -0.58
CA GLN B 49 -7.12 -29.72 0.44
C GLN B 49 -7.75 -28.86 1.53
N THR B 50 -8.57 -29.51 2.38
CA THR B 50 -9.35 -28.74 3.36
C THR B 50 -8.50 -28.16 4.48
N SER B 51 -7.24 -28.58 4.62
CA SER B 51 -6.39 -28.01 5.65
C SER B 51 -5.99 -26.58 5.34
N ALA B 52 -6.09 -26.16 4.08
CA ALA B 52 -5.68 -24.82 3.67
C ALA B 52 -6.93 -23.95 3.66
N TRP B 53 -7.26 -23.39 4.82
CA TRP B 53 -8.48 -22.61 4.99
C TRP B 53 -8.12 -21.12 4.94
N SER B 54 -8.91 -20.35 4.20
CA SER B 54 -8.76 -18.91 4.14
C SER B 54 -10.03 -18.22 4.62
N ALA B 55 -9.84 -17.13 5.38
CA ALA B 55 -10.95 -16.27 5.78
C ALA B 55 -10.94 -14.91 5.08
N CYS B 56 -10.13 -14.74 4.04
CA CYS B 56 -10.06 -13.49 3.29
C CYS B 56 -10.47 -13.72 1.83
N THR B 57 -11.70 -13.32 1.51
CA THR B 57 -12.24 -13.39 0.15
C THR B 57 -12.83 -12.03 -0.17
N LEU B 58 -12.50 -11.50 -1.34
CA LEU B 58 -12.99 -10.20 -1.76
C LEU B 58 -13.67 -10.33 -3.11
N GLU B 59 -14.78 -9.62 -3.29
CA GLU B 59 -15.47 -9.59 -4.56
C GLU B 59 -14.80 -8.62 -5.52
N LEU B 60 -14.68 -9.03 -6.78
CA LEU B 60 -14.05 -8.23 -7.83
C LEU B 60 -15.10 -7.88 -8.89
N PRO B 61 -15.78 -6.74 -8.75
CA PRO B 61 -16.81 -6.38 -9.74
C PRO B 61 -16.29 -5.68 -10.98
N GLY B 62 -14.98 -5.47 -11.09
CA GLY B 62 -14.42 -4.72 -12.21
C GLY B 62 -14.08 -5.57 -13.41
N ALA B 63 -12.98 -5.24 -14.07
CA ALA B 63 -12.58 -5.93 -15.29
C ALA B 63 -11.11 -6.33 -15.22
N PHE B 64 -10.71 -7.20 -16.14
CA PHE B 64 -9.35 -7.73 -16.21
C PHE B 64 -8.76 -7.36 -17.56
N TYR B 65 -7.48 -7.01 -17.58
CA TYR B 65 -6.83 -6.47 -18.77
C TYR B 65 -5.48 -7.13 -19.02
N GLN B 66 -5.16 -7.31 -20.29
CA GLN B 66 -3.81 -7.58 -20.77
C GLN B 66 -3.39 -6.37 -21.58
N GLY B 67 -2.63 -5.47 -20.95
CA GLY B 67 -2.37 -4.20 -21.59
C GLY B 67 -3.63 -3.37 -21.62
N ALA B 68 -3.98 -2.87 -22.80
CA ALA B 68 -5.20 -2.09 -22.96
C ALA B 68 -6.43 -2.95 -23.24
N GLN B 69 -6.24 -4.22 -23.61
CA GLN B 69 -7.35 -5.09 -24.01
C GLN B 69 -7.99 -5.75 -22.80
N GLU B 70 -9.30 -5.63 -22.67
CA GLU B 70 -10.03 -6.35 -21.64
C GLU B 70 -10.15 -7.83 -22.04
N ILE B 71 -10.10 -8.70 -21.03
CA ILE B 71 -10.13 -10.14 -21.28
C ILE B 71 -11.12 -10.81 -20.34
N ASP B 72 -11.65 -11.94 -20.80
CA ASP B 72 -12.49 -12.80 -20.00
C ASP B 72 -11.63 -13.88 -19.36
N PRO B 73 -11.51 -13.93 -18.03
CA PRO B 73 -10.63 -14.94 -17.42
C PRO B 73 -10.99 -16.37 -17.79
N VAL B 74 -12.26 -16.66 -18.08
CA VAL B 74 -12.63 -18.01 -18.48
C VAL B 74 -12.00 -18.34 -19.83
N ALA B 75 -11.95 -17.37 -20.74
CA ALA B 75 -11.35 -17.61 -22.04
C ALA B 75 -9.84 -17.76 -21.94
N ALA B 76 -9.22 -17.00 -21.05
CA ALA B 76 -7.78 -17.10 -20.82
C ALA B 76 -7.38 -18.33 -20.02
N ALA B 77 -8.35 -19.04 -19.45
CA ALA B 77 -8.04 -20.07 -18.48
C ALA B 77 -7.47 -21.31 -19.16
N ASP B 78 -6.69 -22.07 -18.38
CA ASP B 78 -6.24 -23.40 -18.77
C ASP B 78 -6.68 -24.39 -17.69
N GLY B 79 -5.93 -24.46 -16.60
CA GLY B 79 -6.32 -25.31 -15.51
C GLY B 79 -7.51 -24.74 -14.74
N THR B 80 -8.35 -25.63 -14.23
CA THR B 80 -9.44 -25.24 -13.33
C THR B 80 -9.56 -26.26 -12.22
N PHE B 81 -10.13 -25.82 -11.12
CA PHE B 81 -10.39 -26.70 -9.98
C PHE B 81 -11.50 -26.06 -9.17
N ALA B 82 -12.07 -26.87 -8.27
CA ALA B 82 -13.16 -26.41 -7.43
C ALA B 82 -12.63 -25.53 -6.30
N VAL B 83 -13.33 -24.42 -6.05
CA VAL B 83 -13.14 -23.64 -4.84
C VAL B 83 -14.29 -24.01 -3.91
N ASN B 84 -13.95 -24.46 -2.71
CA ASN B 84 -14.89 -25.10 -1.81
C ASN B 84 -15.00 -24.33 -0.50
N HIS B 85 -16.12 -24.52 0.18
CA HIS B 85 -16.27 -24.16 1.57
C HIS B 85 -16.11 -25.40 2.41
N TRP B 86 -15.27 -25.31 3.44
CA TRP B 86 -15.07 -26.40 4.39
C TRP B 86 -15.69 -26.01 5.72
N ASN B 87 -16.53 -26.89 6.27
CA ASN B 87 -17.24 -26.65 7.52
C ASN B 87 -16.74 -27.69 8.50
N THR B 88 -15.98 -27.26 9.51
CA THR B 88 -15.47 -28.23 10.48
C THR B 88 -16.54 -28.74 11.42
N THR B 89 -17.67 -28.03 11.54
CA THR B 89 -18.70 -28.50 12.47
C THR B 89 -19.43 -29.72 11.92
N ASN B 90 -19.78 -29.72 10.64
CA ASN B 90 -20.48 -30.87 10.06
C ASN B 90 -19.62 -31.65 9.08
N GLN B 91 -18.36 -31.26 8.90
CA GLN B 91 -17.41 -32.00 8.08
C GLN B 91 -17.87 -32.09 6.63
N LYS B 92 -18.57 -31.05 6.17
CA LYS B 92 -19.11 -31.00 4.83
C LYS B 92 -18.26 -30.08 3.98
N LEU B 93 -17.86 -30.57 2.81
CA LEU B 93 -17.16 -29.76 1.82
C LEU B 93 -18.17 -29.38 0.75
N THR B 94 -18.36 -28.08 0.53
CA THR B 94 -19.39 -27.57 -0.37
C THR B 94 -18.74 -26.80 -1.50
N ARG B 95 -19.08 -27.16 -2.73
CA ARG B 95 -18.52 -26.44 -3.87
C ARG B 95 -19.14 -25.05 -3.99
N LEU B 96 -18.28 -24.03 -4.00
CA LEU B 96 -18.71 -22.64 -4.16
C LEU B 96 -18.57 -22.15 -5.59
N GLY B 97 -17.55 -22.60 -6.31
CA GLY B 97 -17.36 -22.13 -7.66
C GLY B 97 -16.14 -22.77 -8.27
N THR B 98 -15.64 -22.15 -9.34
CA THR B 98 -14.55 -22.71 -10.14
C THR B 98 -13.42 -21.69 -10.24
N ALA B 99 -12.20 -22.14 -9.97
CA ALA B 99 -11.03 -21.30 -10.10
C ALA B 99 -10.59 -21.22 -11.56
N TYR B 100 -10.30 -20.01 -12.02
CA TYR B 100 -9.85 -19.74 -13.38
C TYR B 100 -8.49 -19.07 -13.47
N GLY B 101 -8.03 -18.44 -12.40
CA GLY B 101 -6.73 -17.79 -12.40
C GLY B 101 -6.13 -17.86 -11.00
N CYS B 102 -4.82 -17.63 -10.92
CA CYS B 102 -4.15 -17.71 -9.63
C CYS B 102 -2.84 -16.94 -9.67
N ASN B 103 -2.24 -16.83 -8.49
CA ASN B 103 -0.93 -16.24 -8.31
C ASN B 103 -0.37 -16.83 -7.02
N GLN B 104 0.95 -16.83 -6.90
CA GLN B 104 1.56 -17.33 -5.68
C GLN B 104 2.93 -16.71 -5.52
N HIS B 105 3.39 -16.65 -4.28
CA HIS B 105 4.64 -15.96 -3.96
C HIS B 105 5.09 -16.37 -2.58
N ARG B 106 6.41 -16.39 -2.39
CA ARG B 106 7.03 -16.53 -1.08
C ARG B 106 7.96 -15.34 -0.88
N ALA B 107 7.69 -14.54 0.14
CA ALA B 107 8.57 -13.42 0.48
C ALA B 107 9.52 -13.88 1.58
N ARG B 108 10.82 -13.74 1.34
CA ARG B 108 11.84 -14.22 2.27
C ARG B 108 12.63 -13.03 2.79
N THR B 109 12.82 -12.97 4.11
CA THR B 109 13.66 -11.91 4.65
C THR B 109 15.12 -12.16 4.28
N THR B 110 15.90 -11.07 4.27
CA THR B 110 17.31 -11.10 3.93
C THR B 110 18.18 -10.65 5.11
N GLY B 111 17.61 -10.64 6.32
CA GLY B 111 18.38 -10.43 7.53
C GLY B 111 18.79 -11.74 8.17
N ALA B 112 19.35 -11.64 9.38
CA ALA B 112 19.88 -12.81 10.06
C ALA B 112 18.77 -13.82 10.36
N GLU B 113 17.65 -13.34 10.89
CA GLU B 113 16.50 -14.19 11.15
C GLU B 113 15.75 -14.39 9.84
N PHE B 114 15.74 -15.63 9.35
CA PHE B 114 15.12 -15.96 8.07
C PHE B 114 13.64 -16.22 8.27
N ARG B 115 12.80 -15.43 7.59
CA ARG B 115 11.35 -15.51 7.76
C ARG B 115 10.65 -15.48 6.41
N VAL B 116 9.66 -16.36 6.25
CA VAL B 116 8.94 -16.50 4.99
C VAL B 116 7.49 -16.11 5.21
N ILE B 117 6.94 -15.31 4.29
CA ILE B 117 5.51 -15.14 4.13
C ILE B 117 5.11 -15.86 2.85
N SER B 118 4.16 -16.77 2.95
CA SER B 118 3.64 -17.46 1.79
C SER B 118 2.30 -16.83 1.44
N VAL B 119 2.07 -16.54 0.16
CA VAL B 119 0.78 -16.02 -0.29
C VAL B 119 0.36 -16.80 -1.52
N THR B 120 -0.93 -17.12 -1.59
CA THR B 120 -1.53 -17.74 -2.75
C THR B 120 -2.85 -17.03 -2.99
N SER B 121 -3.11 -16.63 -4.23
CA SER B 121 -4.37 -16.02 -4.55
C SER B 121 -5.06 -16.83 -5.63
N VAL B 122 -6.37 -16.90 -5.56
CA VAL B 122 -7.15 -17.65 -6.53
C VAL B 122 -8.31 -16.78 -6.99
N LEU B 123 -8.41 -16.60 -8.31
CA LEU B 123 -9.53 -15.91 -8.93
C LEU B 123 -10.57 -16.94 -9.32
N TRP B 124 -11.78 -16.81 -8.77
CA TRP B 124 -12.81 -17.81 -9.06
C TRP B 124 -14.16 -17.16 -9.25
N ARG B 125 -15.03 -17.86 -9.99
CA ARG B 125 -16.39 -17.42 -10.28
C ARG B 125 -17.34 -18.26 -9.44
N ALA B 126 -18.19 -17.59 -8.65
CA ALA B 126 -19.16 -18.31 -7.84
C ALA B 126 -20.20 -19.00 -8.71
N GLU B 127 -20.62 -20.19 -8.28
CA GLU B 127 -21.65 -20.93 -8.99
C GLU B 127 -22.89 -21.17 -8.13
N ILE B 128 -22.87 -20.79 -6.86
CA ILE B 128 -24.03 -20.83 -6.00
C ILE B 128 -24.09 -19.51 -5.25
N SER B 129 -25.26 -19.20 -4.72
CA SER B 129 -25.44 -18.05 -3.86
C SER B 129 -25.63 -18.57 -2.45
N THR B 130 -24.70 -18.27 -1.56
CA THR B 130 -24.74 -18.82 -0.22
C THR B 130 -23.83 -18.00 0.67
N GLY B 131 -23.85 -18.32 1.96
CA GLY B 131 -23.02 -17.62 2.91
C GLY B 131 -22.67 -18.52 4.06
N TRP B 132 -21.72 -18.08 4.87
CA TRP B 132 -21.20 -18.87 5.97
C TRP B 132 -20.58 -17.93 6.97
N ASN B 133 -20.44 -18.39 8.20
CA ASN B 133 -19.62 -17.68 9.18
C ASN B 133 -18.35 -18.47 9.46
N TYR B 134 -17.27 -17.74 9.75
CA TYR B 134 -16.05 -18.41 10.14
C TYR B 134 -16.15 -18.83 11.61
N ASP B 135 -15.19 -19.63 12.06
CA ASP B 135 -15.26 -20.24 13.38
C ASP B 135 -14.83 -19.26 14.47
N ARG B 136 -15.29 -19.53 15.69
CA ARG B 136 -14.98 -18.70 16.85
C ARG B 136 -13.76 -19.26 17.58
N PHE B 137 -12.70 -18.45 17.64
CA PHE B 137 -11.52 -18.74 18.44
C PHE B 137 -10.81 -17.42 18.67
N LEU B 138 -10.16 -17.29 19.82
CA LEU B 138 -9.36 -16.09 20.09
C LEU B 138 -8.26 -15.97 19.03
N ALA B 139 -8.11 -14.78 18.46
CA ALA B 139 -7.40 -14.70 17.20
C ALA B 139 -6.51 -13.46 17.17
N LYS B 140 -5.54 -13.47 16.27
CA LYS B 140 -4.85 -12.25 15.84
C LYS B 140 -5.17 -12.04 14.37
N LEU B 141 -4.75 -10.89 13.85
CA LEU B 141 -5.04 -10.47 12.50
C LEU B 141 -3.80 -9.80 11.94
N TRP B 142 -3.42 -10.10 10.70
CA TRP B 142 -2.29 -9.35 10.15
C TRP B 142 -2.50 -9.03 8.68
N ASN B 143 -1.85 -7.95 8.23
CA ASN B 143 -1.78 -7.64 6.82
C ASN B 143 -0.40 -7.05 6.52
N GLY B 144 0.03 -7.17 5.27
CA GLY B 144 1.33 -6.62 4.88
C GLY B 144 1.23 -5.11 4.68
N THR B 145 2.19 -4.39 5.26
CA THR B 145 2.25 -2.93 5.18
C THR B 145 3.59 -2.49 4.59
N ILE B 146 3.61 -1.30 4.01
CA ILE B 146 4.82 -0.72 3.44
C ILE B 146 5.30 0.35 4.41
N LEU B 147 6.54 0.24 4.86
CA LEU B 147 7.05 1.03 5.97
C LEU B 147 8.28 1.81 5.52
N ALA B 148 8.23 3.12 5.70
CA ALA B 148 9.40 3.96 5.47
C ALA B 148 10.22 4.02 6.75
N GLU B 149 11.53 3.76 6.63
CA GLU B 149 12.36 3.65 7.82
C GLU B 149 13.76 4.16 7.50
N PRO B 150 14.51 4.58 8.51
CA PRO B 150 15.91 4.97 8.26
C PRO B 150 16.73 3.77 7.82
N THR B 151 17.90 4.06 7.24
CA THR B 151 18.65 3.04 6.49
C THR B 151 19.46 2.13 7.39
N THR B 152 19.98 2.62 8.52
CA THR B 152 20.73 1.78 9.45
C THR B 152 20.35 2.10 10.88
N SER B 153 20.94 1.35 11.81
CA SER B 153 20.78 1.63 13.22
C SER B 153 21.55 2.87 13.66
N HIS B 154 22.50 3.33 12.85
CA HIS B 154 23.21 4.57 13.14
C HIS B 154 22.26 5.76 13.03
N GLN B 155 22.64 6.87 13.66
CA GLN B 155 21.80 8.05 13.68
C GLN B 155 21.54 8.59 12.28
N ASP B 156 22.60 8.71 11.47
CA ASP B 156 22.50 9.36 10.16
C ASP B 156 21.93 8.41 9.14
N SER B 157 20.81 8.78 8.54
CA SER B 157 20.14 7.92 7.58
C SER B 157 20.37 8.42 6.16
N GLY B 158 20.42 7.49 5.22
CA GLY B 158 20.29 7.82 3.82
C GLY B 158 18.83 7.99 3.47
N ILE B 159 18.56 8.01 2.16
CA ILE B 159 17.18 8.05 1.68
C ILE B 159 16.41 6.90 2.31
N PRO B 160 15.28 7.18 2.95
CA PRO B 160 14.57 6.14 3.71
C PRO B 160 14.31 4.88 2.90
N LEU B 161 14.47 3.73 3.56
CA LEU B 161 14.04 2.47 2.98
C LEU B 161 12.52 2.41 3.00
N THR B 162 11.94 1.68 2.06
CA THR B 162 10.49 1.45 2.07
C THR B 162 10.32 -0.04 1.87
N ARG B 163 10.03 -0.76 2.96
CA ARG B 163 10.05 -2.21 2.98
C ARG B 163 8.73 -2.73 3.53
N GLY B 164 8.52 -4.03 3.35
CA GLY B 164 7.33 -4.67 3.84
C GLY B 164 7.51 -5.11 5.29
N GLY B 165 6.44 -4.94 6.07
CA GLY B 165 6.39 -5.42 7.44
C GLY B 165 4.96 -5.82 7.75
N LEU B 166 4.78 -6.48 8.90
CA LEU B 166 3.47 -6.98 9.29
C LEU B 166 2.78 -6.01 10.24
N ASN B 167 1.55 -5.66 9.92
CA ASN B 167 0.63 -5.09 10.90
C ASN B 167 -0.05 -6.27 11.57
N TRP B 168 0.22 -6.48 12.86
CA TRP B 168 -0.18 -7.68 13.59
C TRP B 168 -0.93 -7.22 14.84
N VAL B 169 -2.25 -7.42 14.87
CA VAL B 169 -3.11 -6.79 15.87
C VAL B 169 -4.02 -7.86 16.48
N ARG B 170 -4.50 -7.60 17.69
CA ARG B 170 -4.25 -6.51 18.64
C ARG B 170 -3.97 -7.17 19.98
N SER B 171 -3.58 -6.38 20.98
CA SER B 171 -3.31 -6.97 22.29
C SER B 171 -4.60 -7.47 22.95
N GLU B 172 -5.72 -6.80 22.69
CA GLU B 172 -6.98 -7.19 23.30
C GLU B 172 -7.58 -8.41 22.60
N ASN B 173 -8.51 -9.08 23.30
CA ASN B 173 -9.16 -10.25 22.73
C ASN B 173 -9.94 -9.92 21.46
N THR B 174 -9.81 -10.78 20.44
CA THR B 174 -10.55 -10.64 19.19
C THR B 174 -10.97 -12.00 18.68
N VAL B 175 -12.22 -12.08 18.21
CA VAL B 175 -12.75 -13.23 17.49
C VAL B 175 -13.20 -12.75 16.12
N TYR B 176 -12.95 -13.57 15.10
CA TYR B 176 -13.29 -13.21 13.72
C TYR B 176 -14.28 -14.21 13.16
N ALA B 177 -15.44 -14.31 13.78
CA ALA B 177 -16.47 -15.23 13.32
C ALA B 177 -17.47 -14.51 12.44
N TYR B 178 -16.94 -13.71 11.51
CA TYR B 178 -17.76 -12.86 10.67
C TYR B 178 -18.34 -13.65 9.51
N ARG B 179 -19.27 -13.01 8.80
CA ARG B 179 -20.01 -13.63 7.72
C ARG B 179 -19.41 -13.25 6.37
N ASN B 180 -19.37 -14.23 5.47
CA ASN B 180 -19.13 -13.98 4.05
C ASN B 180 -20.35 -14.49 3.28
N GLN B 181 -20.65 -13.81 2.18
CA GLN B 181 -21.80 -14.15 1.36
C GLN B 181 -21.40 -13.93 -0.10
N ILE B 182 -21.75 -14.88 -0.96
CA ILE B 182 -21.40 -14.82 -2.37
C ILE B 182 -22.66 -14.93 -3.19
N THR B 183 -22.60 -14.38 -4.41
CA THR B 183 -23.68 -14.47 -5.38
C THR B 183 -23.18 -15.21 -6.61
N ALA B 184 -23.98 -16.18 -7.07
CA ALA B 184 -23.60 -16.93 -8.26
C ALA B 184 -23.37 -16.00 -9.45
N GLY B 185 -22.31 -16.25 -10.19
CA GLY B 185 -21.96 -15.48 -11.36
C GLY B 185 -20.97 -14.37 -11.09
N LYS B 186 -20.76 -14.01 -9.83
CA LYS B 186 -19.83 -12.94 -9.49
C LYS B 186 -18.42 -13.48 -9.30
N TRP B 187 -17.43 -12.60 -9.49
CA TRP B 187 -16.01 -12.95 -9.43
C TRP B 187 -15.43 -12.63 -8.07
N TYR B 188 -14.58 -13.52 -7.56
CA TYR B 188 -13.99 -13.36 -6.24
C TYR B 188 -12.51 -13.70 -6.30
N VAL B 189 -11.72 -13.09 -5.42
CA VAL B 189 -10.37 -13.54 -5.13
C VAL B 189 -10.31 -13.98 -3.68
N THR B 190 -9.70 -15.14 -3.44
CA THR B 190 -9.42 -15.61 -2.09
C THR B 190 -7.92 -15.62 -1.88
N PHE B 191 -7.48 -15.12 -0.72
CA PHE B 191 -6.07 -15.00 -0.38
C PHE B 191 -5.75 -15.98 0.74
N TRP B 192 -4.79 -16.85 0.52
CA TRP B 192 -4.22 -17.70 1.55
C TRP B 192 -2.87 -17.11 1.88
N MET B 193 -2.74 -16.51 3.05
CA MET B 193 -1.50 -15.85 3.44
C MET B 193 -1.11 -16.35 4.80
N THR B 194 0.16 -16.73 4.95
CA THR B 194 0.64 -17.34 6.17
C THR B 194 2.03 -16.83 6.49
N TYR B 195 2.24 -16.41 7.73
CA TYR B 195 3.56 -15.99 8.18
C TYR B 195 4.26 -17.15 8.88
N ASP B 196 5.48 -17.42 8.47
CA ASP B 196 6.35 -18.42 9.08
C ASP B 196 5.73 -19.83 9.07
N PRO B 197 5.21 -20.30 7.94
CA PRO B 197 4.59 -21.63 7.94
C PRO B 197 5.61 -22.74 8.11
N ASP B 198 5.12 -23.87 8.57
CA ASP B 198 5.89 -25.10 8.64
C ASP B 198 5.64 -26.02 7.45
N GLU B 199 4.45 -25.94 6.86
CA GLU B 199 3.98 -26.94 5.91
C GLU B 199 3.22 -26.26 4.79
N TRP B 200 3.32 -26.84 3.59
CA TRP B 200 2.53 -26.45 2.44
C TRP B 200 1.79 -27.67 1.90
N VAL B 201 0.61 -27.43 1.34
CA VAL B 201 -0.06 -28.44 0.53
C VAL B 201 -0.10 -27.92 -0.91
N TRP B 202 -0.29 -28.86 -1.84
CA TRP B 202 -0.20 -28.54 -3.26
C TRP B 202 -1.40 -29.10 -4.00
N LEU B 203 -1.78 -28.41 -5.07
CA LEU B 203 -2.51 -29.02 -6.17
C LEU B 203 -1.44 -29.42 -7.18
N ASP B 204 -1.03 -30.70 -7.13
CA ASP B 204 0.15 -31.15 -7.86
C ASP B 204 0.00 -30.96 -9.37
N GLN B 205 -1.22 -31.09 -9.87
CA GLN B 205 -1.47 -30.94 -11.31
C GLN B 205 -1.04 -29.57 -11.81
N PHE B 206 -1.06 -28.57 -10.93
CA PHE B 206 -0.78 -27.19 -11.32
C PHE B 206 0.44 -26.61 -10.62
N LYS B 207 1.15 -27.39 -9.81
CA LYS B 207 2.21 -26.93 -8.89
C LYS B 207 1.82 -25.62 -8.20
N LEU B 208 0.64 -25.63 -7.60
CA LEU B 208 0.10 -24.47 -6.88
C LEU B 208 0.13 -24.77 -5.40
N GLN B 209 0.87 -23.94 -4.66
CA GLN B 209 1.13 -24.12 -3.23
C GLN B 209 0.06 -23.45 -2.38
N PHE B 210 -0.15 -23.99 -1.18
CA PHE B 210 -0.98 -23.35 -0.16
C PHE B 210 -0.30 -23.58 1.18
N ALA B 211 0.22 -22.53 1.81
CA ALA B 211 0.81 -22.73 3.12
C ALA B 211 -0.28 -23.02 4.14
N LEU B 212 0.07 -23.84 5.12
CA LEU B 212 -0.85 -24.15 6.22
C LEU B 212 -0.51 -23.29 7.43
N HIS B 213 -1.52 -23.02 8.24
CA HIS B 213 -1.33 -22.27 9.48
C HIS B 213 -0.40 -23.03 10.43
N PRO B 214 0.72 -22.46 10.84
CA PRO B 214 1.65 -23.20 11.70
C PRO B 214 1.16 -23.24 13.14
N ALA B 215 1.68 -24.23 13.88
CA ALA B 215 1.38 -24.32 15.30
C ALA B 215 2.09 -23.23 16.08
N ASN B 216 3.32 -22.88 15.68
CA ASN B 216 4.09 -21.84 16.31
C ASN B 216 4.77 -21.01 15.25
N TRP B 217 5.18 -19.80 15.63
CA TRP B 217 5.86 -18.90 14.70
C TRP B 217 6.75 -17.96 15.49
N SER B 218 7.73 -17.38 14.78
CA SER B 218 8.65 -16.43 15.38
C SER B 218 7.97 -15.08 15.56
N ASP B 219 8.67 -14.15 16.19
CA ASP B 219 8.13 -12.81 16.39
C ASP B 219 7.74 -12.20 15.05
N PRO B 220 6.49 -11.74 14.89
CA PRO B 220 6.06 -11.13 13.63
C PRO B 220 6.33 -9.64 13.50
N ILE B 221 6.74 -8.97 14.59
CA ILE B 221 6.82 -7.52 14.61
C ILE B 221 8.13 -7.04 13.98
N ALA B 222 9.25 -7.61 14.40
CA ALA B 222 10.58 -7.17 13.99
C ALA B 222 10.91 -7.38 12.51
N PRO B 223 10.53 -8.49 11.87
CA PRO B 223 11.02 -8.75 10.52
C PRO B 223 10.61 -7.69 9.51
N ARG B 224 11.48 -7.50 8.53
CA ARG B 224 11.26 -6.60 7.40
C ARG B 224 11.61 -7.35 6.11
N TRP B 225 10.83 -7.10 5.07
CA TRP B 225 11.03 -7.73 3.77
C TRP B 225 11.30 -6.64 2.74
N ASP B 226 12.41 -6.77 2.01
CA ASP B 226 12.58 -5.96 0.81
C ASP B 226 11.44 -6.26 -0.16
N ILE B 227 10.88 -5.21 -0.75
CA ILE B 227 9.76 -5.36 -1.67
C ILE B 227 10.33 -5.61 -3.06
N THR B 228 10.04 -6.80 -3.60
CA THR B 228 10.57 -7.26 -4.87
C THR B 228 9.53 -7.08 -5.97
N GLU B 229 10.00 -7.07 -7.22
CA GLU B 229 9.05 -6.87 -8.31
C GLU B 229 8.09 -8.05 -8.43
N ASP B 230 8.54 -9.27 -8.12
CA ASP B 230 7.62 -10.39 -8.22
C ASP B 230 6.69 -10.53 -7.02
N SER B 231 6.82 -9.66 -6.01
CA SER B 231 5.81 -9.56 -4.97
C SER B 231 4.66 -8.66 -5.35
N LEU B 232 4.87 -7.77 -6.31
CA LEU B 232 3.81 -6.91 -6.78
C LEU B 232 2.73 -7.73 -7.46
N GLY B 233 1.47 -7.36 -7.23
CA GLY B 233 0.36 -8.05 -7.84
C GLY B 233 -0.15 -9.26 -7.08
N THR B 234 0.52 -9.66 -5.99
CA THR B 234 0.15 -10.87 -5.24
C THR B 234 -0.89 -10.62 -4.16
N GLY B 235 -1.14 -9.36 -3.79
CA GLY B 235 -1.99 -9.05 -2.68
C GLY B 235 -1.26 -8.87 -1.36
N LEU B 236 0.05 -9.15 -1.31
CA LEU B 236 0.75 -9.16 -0.03
C LEU B 236 0.93 -7.75 0.52
N TRP B 237 1.53 -6.84 -0.26
CA TRP B 237 1.82 -5.52 0.30
C TRP B 237 0.75 -4.49 -0.02
N SER B 238 -0.17 -4.80 -0.93
CA SER B 238 -1.28 -3.93 -1.31
C SER B 238 -2.17 -4.74 -2.24
N LEU B 239 -3.33 -4.15 -2.56
CA LEU B 239 -4.22 -4.73 -3.54
C LEU B 239 -4.06 -4.05 -4.90
N GLN B 240 -2.94 -3.33 -5.06
CA GLN B 240 -2.62 -2.65 -6.31
C GLN B 240 -2.24 -3.64 -7.40
N ASP B 241 -2.81 -3.45 -8.58
CA ASP B 241 -2.49 -4.24 -9.77
C ASP B 241 -2.52 -5.72 -9.43
N LEU B 242 -3.60 -6.15 -8.80
CA LEU B 242 -3.82 -7.57 -8.59
C LEU B 242 -3.67 -8.31 -9.91
N THR B 243 -2.77 -9.28 -9.93
CA THR B 243 -2.35 -9.96 -11.14
C THR B 243 -2.67 -11.44 -11.01
N PHE B 244 -3.21 -12.01 -12.08
CA PHE B 244 -3.55 -13.43 -12.12
C PHE B 244 -3.00 -14.07 -13.38
N TYR B 245 -2.66 -15.35 -13.25
CA TYR B 245 -2.16 -16.21 -14.29
C TYR B 245 -3.14 -17.35 -14.52
N PRO B 246 -3.28 -17.84 -15.75
CA PRO B 246 -4.03 -19.10 -15.95
C PRO B 246 -3.45 -20.18 -15.06
N VAL B 247 -4.34 -20.97 -14.46
CA VAL B 247 -3.91 -21.97 -13.49
C VAL B 247 -2.94 -22.93 -14.13
N GLY B 248 -1.78 -23.12 -13.50
CA GLY B 248 -0.70 -23.92 -14.04
C GLY B 248 0.37 -23.13 -14.75
N HIS B 249 0.13 -21.84 -15.01
CA HIS B 249 1.09 -20.96 -15.66
C HIS B 249 1.59 -19.87 -14.71
N GLN B 250 1.24 -19.96 -13.44
CA GLN B 250 1.68 -18.98 -12.46
C GLN B 250 3.16 -19.17 -12.14
N PRO B 251 3.82 -18.18 -11.53
CA PRO B 251 5.24 -18.33 -11.22
C PRO B 251 5.48 -19.48 -10.26
N ALA B 252 6.65 -20.11 -10.38
CA ALA B 252 7.03 -21.19 -9.48
C ALA B 252 7.12 -20.68 -8.05
N ALA B 253 6.73 -21.52 -7.10
CA ALA B 253 6.69 -21.11 -5.69
C ALA B 253 8.09 -20.98 -5.11
N ALA B 254 8.92 -22.00 -5.28
CA ALA B 254 10.27 -21.99 -4.76
C ALA B 254 11.15 -21.00 -5.52
#